data_3BB7
#
_entry.id   3BB7
#
_cell.length_a   128.870
_cell.length_b   38.810
_cell.length_c   78.140
_cell.angle_alpha   90.00
_cell.angle_beta   127.26
_cell.angle_gamma   90.00
#
_symmetry.space_group_name_H-M   'C 1 2 1'
#
loop_
_entity.id
_entity.type
_entity.pdbx_description
1 polymer 'interpain A'
2 water water
#
_entity_poly.entity_id   1
_entity_poly.type   'polypeptide(L)'
_entity_poly.pdbx_seq_one_letter_code
;ANQLRELKQTHTYTVFGYTDGGFAVISADDLAPELLGVSESNFVETDNPSFKWWLKAIDEVITNAVKSNKPLNVIKPDPS
KYAAEVSTLLTTTWGQQMPYNKLLPKTKKGRLITGAVATATAQVLNYFKYPVRGIGSHTVHYPANDPSGVAISADFGNTT
YDWANMKDNYSGNYTEAEANAVATLMLHCGVASEMQYGGPNEGSGAYMTDCAAGLRTYFGFTDAEYITRANYTDEQWMDI
VFSELTKGHPLIYGGVSPGSMGQDAGHAFVIDGYNKAGLVSVNWGWNGDVDGYYKIDLLNPGNMYSFTAEQDMVRGVYGK
P
;
_entity_poly.pdbx_strand_id   A
#
# COMPACT_ATOMS: atom_id res chain seq x y z
N ALA A 1 -15.12 -26.85 -12.64
CA ALA A 1 -15.60 -25.82 -13.62
C ALA A 1 -15.92 -24.51 -12.91
N ASN A 2 -14.99 -23.57 -12.97
CA ASN A 2 -15.18 -22.30 -12.31
C ASN A 2 -16.30 -21.45 -12.92
N GLN A 3 -17.23 -21.04 -12.06
CA GLN A 3 -18.34 -20.17 -12.45
C GLN A 3 -18.29 -18.87 -11.65
N LEU A 4 -18.97 -17.84 -12.13
CA LEU A 4 -18.96 -16.55 -11.47
C LEU A 4 -20.30 -16.27 -10.81
N ARG A 5 -20.24 -15.78 -9.56
CA ARG A 5 -21.43 -15.50 -8.77
C ARG A 5 -21.40 -14.05 -8.33
N GLU A 6 -22.40 -13.28 -8.76
CA GLU A 6 -22.43 -11.84 -8.44
C GLU A 6 -22.52 -11.62 -6.93
N LEU A 7 -21.57 -10.86 -6.39
CA LEU A 7 -21.57 -10.52 -4.96
C LEU A 7 -22.02 -9.08 -4.72
N LYS A 8 -21.50 -8.18 -5.54
CA LYS A 8 -21.73 -6.75 -5.40
C LYS A 8 -21.70 -6.10 -6.78
N GLN A 9 -22.55 -5.09 -6.96
CA GLN A 9 -22.65 -4.45 -8.26
C GLN A 9 -22.81 -2.93 -8.15
N THR A 10 -22.06 -2.21 -8.98
CA THR A 10 -22.30 -0.77 -9.18
C THR A 10 -22.55 -0.57 -10.67
N HIS A 11 -22.68 0.68 -11.11
CA HIS A 11 -22.90 0.98 -12.53
C HIS A 11 -21.65 0.78 -13.39
N THR A 12 -20.49 0.67 -12.75
CA THR A 12 -19.22 0.58 -13.47
C THR A 12 -18.46 -0.73 -13.29
N TYR A 13 -18.71 -1.41 -12.18
CA TYR A 13 -18.03 -2.69 -11.91
C TYR A 13 -18.89 -3.63 -11.10
N THR A 14 -18.56 -4.92 -11.20
CA THR A 14 -19.27 -5.97 -10.48
C THR A 14 -18.19 -6.85 -9.85
N VAL A 15 -18.39 -7.19 -8.58
CA VAL A 15 -17.51 -8.14 -7.90
C VAL A 15 -18.17 -9.50 -8.06
N PHE A 16 -17.45 -10.44 -8.65
CA PHE A 16 -17.98 -11.78 -8.82
C PHE A 16 -17.15 -12.77 -8.03
N GLY A 17 -17.79 -13.66 -7.27
CA GLY A 17 -17.07 -14.74 -6.65
C GLY A 17 -16.85 -15.87 -7.64
N TYR A 18 -15.72 -16.55 -7.48
CA TYR A 18 -15.41 -17.73 -8.25
C TYR A 18 -15.83 -18.97 -7.47
N THR A 19 -16.44 -19.92 -8.16
CA THR A 19 -16.75 -21.20 -7.50
C THR A 19 -15.50 -22.01 -7.07
N ASP A 20 -14.33 -21.81 -7.69
CA ASP A 20 -13.12 -22.49 -7.19
C ASP A 20 -12.51 -21.75 -6.02
N GLY A 21 -13.08 -20.60 -5.67
CA GLY A 21 -12.53 -19.75 -4.63
C GLY A 21 -11.90 -18.52 -5.28
N GLY A 22 -11.85 -17.42 -4.53
CA GLY A 22 -11.34 -16.20 -5.11
C GLY A 22 -12.46 -15.36 -5.69
N PHE A 23 -12.10 -14.23 -6.25
CA PHE A 23 -13.08 -13.35 -6.91
C PHE A 23 -12.42 -12.50 -7.98
N ALA A 24 -13.25 -11.86 -8.79
CA ALA A 24 -12.76 -10.91 -9.78
C ALA A 24 -13.60 -9.66 -9.71
N VAL A 25 -13.01 -8.56 -10.17
CA VAL A 25 -13.70 -7.29 -10.32
C VAL A 25 -13.74 -7.07 -11.83
N ILE A 26 -14.96 -6.89 -12.33
CA ILE A 26 -15.29 -6.95 -13.77
C ILE A 26 -16.03 -5.68 -14.20
N SER A 27 -15.60 -5.08 -15.31
CA SER A 27 -16.31 -3.94 -15.93
C SER A 27 -17.17 -4.46 -17.05
N ALA A 28 -18.02 -3.59 -17.61
CA ALA A 28 -18.84 -3.95 -18.75
C ALA A 28 -19.05 -2.73 -19.61
N ASP A 29 -18.04 -2.46 -20.43
CA ASP A 29 -18.06 -1.31 -21.32
C ASP A 29 -17.09 -1.49 -22.46
N ASP A 30 -17.48 -1.04 -23.65
CA ASP A 30 -16.60 -1.17 -24.79
C ASP A 30 -15.29 -0.43 -24.63
N LEU A 31 -15.28 0.60 -23.77
CA LEU A 31 -14.12 1.45 -23.58
C LEU A 31 -13.22 1.08 -22.41
N ALA A 32 -13.55 -0.01 -21.72
CA ALA A 32 -12.75 -0.50 -20.59
C ALA A 32 -12.39 -1.96 -20.77
N PRO A 33 -11.20 -2.36 -20.27
CA PRO A 33 -10.92 -3.81 -20.26
C PRO A 33 -11.83 -4.48 -19.25
N GLU A 34 -12.25 -5.71 -19.54
CA GLU A 34 -13.23 -6.39 -18.72
C GLU A 34 -12.68 -6.70 -17.32
N LEU A 35 -11.56 -7.39 -17.25
CA LEU A 35 -11.07 -7.76 -15.92
C LEU A 35 -10.24 -6.62 -15.34
N LEU A 36 -10.68 -6.13 -14.18
CA LEU A 36 -10.00 -5.01 -13.49
C LEU A 36 -9.12 -5.49 -12.35
N GLY A 37 -9.48 -6.62 -11.74
CA GLY A 37 -8.74 -7.15 -10.61
C GLY A 37 -9.14 -8.57 -10.34
N VAL A 38 -8.25 -9.29 -9.67
CA VAL A 38 -8.49 -10.70 -9.40
C VAL A 38 -7.73 -11.11 -8.16
N SER A 39 -8.36 -11.93 -7.33
CA SER A 39 -7.75 -12.39 -6.07
C SER A 39 -8.00 -13.86 -5.91
N GLU A 40 -7.04 -14.55 -5.26
CA GLU A 40 -7.24 -15.95 -4.84
C GLU A 40 -8.04 -16.03 -3.54
N SER A 41 -8.13 -14.90 -2.83
CA SER A 41 -8.83 -14.87 -1.56
C SER A 41 -10.31 -14.75 -1.80
N ASN A 42 -11.11 -15.49 -1.05
CA ASN A 42 -12.55 -15.30 -1.12
C ASN A 42 -12.90 -13.86 -0.72
N PHE A 43 -13.89 -13.28 -1.39
CA PHE A 43 -14.27 -11.90 -1.08
C PHE A 43 -15.08 -11.85 0.22
N VAL A 44 -14.67 -11.00 1.15
CA VAL A 44 -15.51 -10.70 2.32
C VAL A 44 -15.51 -9.18 2.47
N GLU A 45 -16.64 -8.62 2.89
CA GLU A 45 -16.71 -7.17 3.07
C GLU A 45 -15.68 -6.75 4.10
N THR A 46 -15.05 -5.63 3.83
CA THR A 46 -13.91 -5.23 4.59
C THR A 46 -13.84 -3.73 4.64
N ASP A 47 -13.29 -3.19 5.72
CA ASP A 47 -13.16 -1.75 5.86
C ASP A 47 -11.95 -1.25 5.09
N ASN A 48 -11.12 -2.16 4.59
CA ASN A 48 -9.88 -1.85 3.84
C ASN A 48 -9.95 -0.51 3.10
N PRO A 49 -9.39 0.56 3.68
CA PRO A 49 -9.54 1.89 3.06
C PRO A 49 -8.81 2.04 1.71
N SER A 50 -7.70 1.33 1.51
CA SER A 50 -6.93 1.54 0.28
C SER A 50 -7.63 0.84 -0.89
N PHE A 51 -8.25 -0.32 -0.63
CA PHE A 51 -9.07 -0.98 -1.64
C PHE A 51 -10.29 -0.11 -1.99
N LYS A 52 -10.85 0.53 -0.96
CA LYS A 52 -11.95 1.46 -1.20
C LYS A 52 -11.55 2.59 -2.14
N TRP A 53 -10.34 3.14 -1.95
CA TRP A 53 -9.81 4.16 -2.85
C TRP A 53 -9.75 3.62 -4.29
N TRP A 54 -9.19 2.43 -4.44
CA TRP A 54 -8.98 1.85 -5.76
C TRP A 54 -10.34 1.71 -6.48
N LEU A 55 -11.37 1.24 -5.80
CA LEU A 55 -12.70 1.13 -6.40
C LEU A 55 -13.23 2.50 -6.85
N LYS A 56 -13.03 3.51 -6.01
CA LYS A 56 -13.49 4.88 -6.38
C LYS A 56 -12.73 5.43 -7.60
N ALA A 57 -11.43 5.19 -7.64
CA ALA A 57 -10.57 5.57 -8.77
C ALA A 57 -10.98 4.83 -10.07
N ILE A 58 -11.27 3.54 -9.95
CA ILE A 58 -11.77 2.77 -11.11
C ILE A 58 -13.08 3.35 -11.63
N ASP A 59 -14.03 3.56 -10.73
CA ASP A 59 -15.31 4.17 -11.10
C ASP A 59 -15.10 5.51 -11.83
N GLU A 60 -14.20 6.36 -11.29
CA GLU A 60 -13.90 7.66 -11.88
C GLU A 60 -13.32 7.52 -13.28
N VAL A 61 -12.36 6.61 -13.46
CA VAL A 61 -11.75 6.53 -14.81
C VAL A 61 -12.66 5.93 -15.86
N ILE A 62 -13.46 4.96 -15.45
CA ILE A 62 -14.39 4.37 -16.38
C ILE A 62 -15.44 5.42 -16.80
N THR A 63 -16.00 6.14 -15.84
CA THR A 63 -16.99 7.15 -16.20
C THR A 63 -16.37 8.26 -17.07
N ASN A 64 -15.13 8.64 -16.76
CA ASN A 64 -14.49 9.66 -17.57
C ASN A 64 -14.18 9.18 -18.99
N ALA A 65 -13.76 7.90 -19.11
CA ALA A 65 -13.53 7.31 -20.42
C ALA A 65 -14.77 7.31 -21.28
N VAL A 66 -15.88 6.91 -20.67
CA VAL A 66 -17.14 6.87 -21.39
C VAL A 66 -17.58 8.29 -21.82
N LYS A 67 -17.44 9.26 -20.90
CA LYS A 67 -17.84 10.65 -21.19
C LYS A 67 -17.03 11.22 -22.36
N SER A 68 -15.74 10.93 -22.35
CA SER A 68 -14.79 11.47 -23.34
C SER A 68 -14.67 10.55 -24.56
N ASN A 69 -15.36 9.40 -24.52
CA ASN A 69 -15.35 8.42 -25.61
C ASN A 69 -13.93 8.02 -26.00
N LYS A 70 -13.10 7.80 -25.00
CA LYS A 70 -11.70 7.45 -25.21
C LYS A 70 -11.45 6.13 -24.49
N PRO A 71 -10.98 5.11 -25.22
CA PRO A 71 -10.74 3.82 -24.58
C PRO A 71 -9.66 3.92 -23.52
N LEU A 72 -9.84 3.17 -22.44
CA LEU A 72 -8.83 3.12 -21.39
C LEU A 72 -7.61 2.38 -21.90
N ASN A 73 -6.44 2.83 -21.48
CA ASN A 73 -5.23 2.16 -21.98
C ASN A 73 -4.94 0.86 -21.25
N VAL A 74 -4.24 -0.03 -21.95
CA VAL A 74 -3.81 -1.31 -21.42
C VAL A 74 -2.32 -1.40 -21.74
N ILE A 75 -1.51 -1.42 -20.69
CA ILE A 75 -0.05 -1.41 -20.86
C ILE A 75 0.47 -2.69 -20.26
N LYS A 76 1.23 -3.44 -21.06
CA LYS A 76 1.78 -4.74 -20.67
C LYS A 76 3.30 -4.63 -20.65
N PRO A 77 3.97 -5.35 -19.73
CA PRO A 77 5.42 -5.28 -19.65
C PRO A 77 6.07 -5.89 -20.89
N ASP A 78 7.01 -5.17 -21.50
CA ASP A 78 7.73 -5.66 -22.68
C ASP A 78 8.79 -6.65 -22.22
N PRO A 79 8.65 -7.94 -22.58
CA PRO A 79 9.62 -8.91 -22.08
C PRO A 79 11.02 -8.77 -22.66
N SER A 80 11.19 -7.90 -23.65
CA SER A 80 12.52 -7.58 -24.16
C SER A 80 13.23 -6.53 -23.30
N LYS A 81 12.47 -5.86 -22.43
CA LYS A 81 12.97 -4.80 -21.54
C LYS A 81 12.96 -5.17 -20.05
N TYR A 82 12.05 -6.04 -19.65
CA TYR A 82 11.81 -6.36 -18.22
C TYR A 82 11.58 -7.84 -18.03
N ALA A 83 11.53 -8.28 -16.77
CA ALA A 83 11.03 -9.62 -16.51
C ALA A 83 9.67 -9.81 -17.13
N ALA A 84 9.42 -11.01 -17.64
CA ALA A 84 8.11 -11.28 -18.22
C ALA A 84 6.98 -11.08 -17.21
N GLU A 85 7.25 -11.45 -15.96
CA GLU A 85 6.29 -11.33 -14.85
C GLU A 85 7.14 -11.37 -13.59
N VAL A 86 6.61 -10.82 -12.49
CA VAL A 86 7.27 -10.89 -11.18
C VAL A 86 6.20 -11.33 -10.18
N SER A 87 6.30 -12.56 -9.68
CA SER A 87 5.26 -13.05 -8.80
C SER A 87 5.41 -12.36 -7.42
N THR A 88 4.27 -12.12 -6.78
CA THR A 88 4.16 -11.54 -5.44
C THR A 88 5.39 -11.81 -4.57
N LEU A 89 6.10 -10.72 -4.21
CA LEU A 89 7.32 -10.80 -3.43
C LEU A 89 7.12 -10.88 -1.92
N LEU A 90 6.14 -10.13 -1.38
CA LEU A 90 5.98 -10.13 0.08
C LEU A 90 5.32 -11.42 0.59
N THR A 91 5.62 -11.78 1.84
CA THR A 91 4.94 -12.94 2.48
C THR A 91 4.06 -12.52 3.66
N THR A 92 4.11 -11.23 4.00
CA THR A 92 3.40 -10.73 5.16
C THR A 92 1.98 -10.30 4.79
N THR A 93 1.09 -10.31 5.78
CA THR A 93 -0.26 -9.81 5.61
C THR A 93 -0.57 -8.87 6.76
N TRP A 94 0.19 -7.79 6.85
CA TRP A 94 0.08 -6.91 8.01
C TRP A 94 -1.06 -5.91 7.92
N GLY A 95 -1.36 -5.25 9.04
CA GLY A 95 -2.47 -4.32 9.11
C GLY A 95 -2.13 -3.15 10.02
N GLN A 96 -3.15 -2.51 10.57
CA GLN A 96 -2.95 -1.25 11.29
C GLN A 96 -3.37 -1.29 12.76
N GLN A 97 -4.05 -2.37 13.17
CA GLN A 97 -4.52 -2.49 14.56
C GLN A 97 -3.70 -3.49 15.38
N MET A 98 -4.28 -4.19 16.36
CA MET A 98 -3.42 -5.03 17.20
C MET A 98 -2.87 -6.24 16.44
N PRO A 99 -1.61 -6.59 16.69
CA PRO A 99 -0.65 -5.99 17.60
C PRO A 99 0.23 -4.90 16.98
N TYR A 100 0.00 -4.59 15.70
CA TYR A 100 0.83 -3.62 14.99
C TYR A 100 0.90 -2.29 15.69
N ASN A 101 -0.23 -1.91 16.32
CA ASN A 101 -0.31 -0.60 17.00
C ASN A 101 -0.09 -0.67 18.51
N LYS A 102 0.45 -1.79 19.01
CA LYS A 102 0.60 -2.03 20.46
C LYS A 102 1.30 -0.91 21.20
N LEU A 103 2.28 -0.29 20.55
CA LEU A 103 3.09 0.71 21.24
C LEU A 103 2.53 2.14 21.15
N LEU A 104 1.42 2.33 20.45
CA LEU A 104 0.84 3.64 20.28
C LEU A 104 -0.13 3.97 21.42
N PRO A 105 -0.31 5.27 21.74
CA PRO A 105 -1.24 5.67 22.80
C PRO A 105 -2.64 5.11 22.67
N LYS A 106 -3.22 4.79 23.82
CA LYS A 106 -4.62 4.39 23.88
C LYS A 106 -5.48 5.66 23.98
N THR A 107 -6.72 5.60 23.52
CA THR A 107 -7.65 6.73 23.67
C THR A 107 -8.99 6.14 24.06
N LYS A 108 -9.89 6.96 24.60
CA LYS A 108 -11.23 6.49 24.95
C LYS A 108 -12.04 6.00 23.72
N LYS A 109 -11.55 6.30 22.51
CA LYS A 109 -12.25 5.94 21.29
C LYS A 109 -11.49 4.82 20.56
N GLY A 110 -10.56 4.19 21.26
CA GLY A 110 -9.76 3.12 20.69
C GLY A 110 -8.31 3.52 20.57
N ARG A 111 -7.46 2.51 20.56
CA ARG A 111 -6.03 2.78 20.44
C ARG A 111 -5.71 3.41 19.06
N LEU A 112 -4.74 4.33 19.02
CA LEU A 112 -4.34 4.92 17.75
C LEU A 112 -3.89 3.79 16.80
N ILE A 113 -4.14 3.96 15.50
CA ILE A 113 -3.75 2.94 14.52
C ILE A 113 -2.53 3.33 13.73
N THR A 114 -1.88 2.36 13.08
CA THR A 114 -0.53 2.66 12.61
C THR A 114 -0.44 3.64 11.45
N GLY A 115 -1.48 3.66 10.63
CA GLY A 115 -1.47 4.46 9.38
C GLY A 115 -1.06 3.58 8.20
N ALA A 116 -1.74 3.73 7.07
CA ALA A 116 -1.45 2.90 5.90
C ALA A 116 -0.04 3.07 5.40
N VAL A 117 0.50 4.30 5.52
CA VAL A 117 1.88 4.55 5.06
C VAL A 117 2.85 3.76 5.92
N ALA A 118 2.61 3.73 7.23
CA ALA A 118 3.50 2.97 8.11
C ALA A 118 3.41 1.49 7.83
N THR A 119 2.20 0.95 7.61
CA THR A 119 2.05 -0.47 7.36
C THR A 119 2.72 -0.88 6.04
N ALA A 120 2.54 -0.07 5.00
CA ALA A 120 3.18 -0.37 3.72
C ALA A 120 4.71 -0.29 3.86
N THR A 121 5.24 0.77 4.49
CA THR A 121 6.68 0.91 4.68
C THR A 121 7.25 -0.24 5.51
N ALA A 122 6.57 -0.60 6.60
CA ALA A 122 7.07 -1.71 7.43
C ALA A 122 7.16 -3.01 6.63
N GLN A 123 6.16 -3.27 5.78
CA GLN A 123 6.20 -4.52 5.02
C GLN A 123 7.35 -4.51 4.00
N VAL A 124 7.62 -3.37 3.37
CA VAL A 124 8.77 -3.30 2.48
C VAL A 124 10.09 -3.44 3.24
N LEU A 125 10.26 -2.76 4.37
CA LEU A 125 11.51 -2.92 5.15
C LEU A 125 11.70 -4.37 5.61
N ASN A 126 10.62 -5.01 6.01
CA ASN A 126 10.72 -6.39 6.46
C ASN A 126 11.11 -7.32 5.29
N TYR A 127 10.63 -7.03 4.09
CA TYR A 127 11.04 -7.82 2.92
C TYR A 127 12.57 -7.81 2.78
N PHE A 128 13.18 -6.64 2.96
CA PHE A 128 14.64 -6.52 2.86
C PHE A 128 15.43 -6.89 4.10
N LYS A 129 14.73 -6.96 5.25
CA LYS A 129 15.38 -7.19 6.54
C LYS A 129 16.50 -6.18 6.76
N TYR A 130 16.17 -4.92 6.53
CA TYR A 130 17.17 -3.84 6.51
C TYR A 130 16.45 -2.56 6.86
N PRO A 131 17.10 -1.67 7.63
CA PRO A 131 18.45 -1.72 8.16
C PRO A 131 18.57 -2.58 9.41
N VAL A 132 19.81 -2.83 9.80
CA VAL A 132 20.10 -3.48 11.08
C VAL A 132 19.67 -2.59 12.25
N ARG A 133 20.06 -1.33 12.22
CA ARG A 133 19.66 -0.31 13.20
C ARG A 133 19.35 0.96 12.43
N GLY A 134 18.56 1.83 13.05
CA GLY A 134 18.26 3.11 12.42
C GLY A 134 19.32 4.15 12.78
N ILE A 135 18.93 5.40 12.62
CA ILE A 135 19.81 6.55 12.83
C ILE A 135 18.99 7.64 13.52
N GLY A 136 19.51 8.17 14.63
CA GLY A 136 18.90 9.32 15.26
C GLY A 136 17.59 9.04 15.96
N SER A 137 16.81 10.10 16.21
CA SER A 137 15.56 9.98 16.96
C SER A 137 14.63 11.07 16.53
N HIS A 138 13.34 10.86 16.79
CA HIS A 138 12.34 11.85 16.43
C HIS A 138 11.08 11.61 17.23
N THR A 139 10.29 12.68 17.36
CA THR A 139 9.04 12.65 18.10
C THR A 139 7.96 13.35 17.28
N VAL A 140 6.76 12.74 17.22
CA VAL A 140 5.56 13.47 16.78
C VAL A 140 4.58 13.52 17.96
N HIS A 141 3.48 14.25 17.81
CA HIS A 141 2.55 14.46 18.93
C HIS A 141 1.15 14.05 18.55
N TYR A 142 0.36 13.72 19.56
CA TYR A 142 -1.06 13.44 19.39
C TYR A 142 -1.87 14.35 20.29
N PRO A 143 -2.75 15.18 19.71
CA PRO A 143 -3.04 15.31 18.28
C PRO A 143 -1.89 15.97 17.55
N ALA A 144 -1.77 15.70 16.25
CA ALA A 144 -0.63 16.19 15.49
C ALA A 144 -0.48 17.71 15.53
N ASN A 145 -1.60 18.42 15.66
CA ASN A 145 -1.58 19.88 15.65
C ASN A 145 -1.25 20.55 16.98
N ASP A 146 -0.93 19.74 17.99
CA ASP A 146 -0.48 20.28 19.25
C ASP A 146 0.98 19.95 19.52
N PRO A 147 1.88 20.93 19.39
CA PRO A 147 3.29 20.72 19.68
C PRO A 147 3.54 20.26 21.12
N SER A 148 2.56 20.47 22.00
CA SER A 148 2.68 20.02 23.38
C SER A 148 1.66 18.93 23.71
N GLY A 149 1.26 18.19 22.67
CA GLY A 149 0.37 17.04 22.85
C GLY A 149 1.12 15.84 23.41
N VAL A 150 0.51 14.67 23.37
CA VAL A 150 1.15 13.42 23.84
C VAL A 150 2.29 13.06 22.91
N ALA A 151 3.49 12.84 23.45
CA ALA A 151 4.67 12.53 22.63
C ALA A 151 4.67 11.10 22.19
N ILE A 152 4.93 10.89 20.92
CA ILE A 152 5.11 9.55 20.36
C ILE A 152 6.50 9.57 19.72
N SER A 153 7.44 8.84 20.32
CA SER A 153 8.86 8.96 19.99
C SER A 153 9.45 7.66 19.49
N ALA A 154 10.49 7.78 18.67
CA ALA A 154 11.24 6.64 18.20
C ALA A 154 12.74 6.95 18.32
N ASP A 155 13.47 6.06 18.98
CA ASP A 155 14.94 6.17 19.04
C ASP A 155 15.52 5.20 18.03
N PHE A 156 15.52 5.62 16.77
CA PHE A 156 15.98 4.74 15.68
C PHE A 156 17.42 4.28 15.89
N GLY A 157 18.29 5.23 16.30
CA GLY A 157 19.74 4.93 16.35
C GLY A 157 20.09 3.89 17.39
N ASN A 158 19.25 3.71 18.41
CA ASN A 158 19.50 2.68 19.42
C ASN A 158 18.62 1.44 19.26
N THR A 159 17.95 1.32 18.12
CA THR A 159 17.05 0.21 17.91
C THR A 159 17.63 -0.77 16.89
N THR A 160 17.82 -2.03 17.32
CA THR A 160 18.18 -3.09 16.41
C THR A 160 16.88 -3.81 16.05
N TYR A 161 16.37 -3.58 14.84
CA TYR A 161 15.07 -4.15 14.44
C TYR A 161 15.10 -5.68 14.53
N ASP A 162 14.08 -6.24 15.15
CA ASP A 162 14.10 -7.67 15.47
C ASP A 162 13.52 -8.49 14.32
N TRP A 163 14.23 -8.49 13.19
CA TRP A 163 13.74 -9.15 11.97
C TRP A 163 13.36 -10.61 12.16
N ALA A 164 14.10 -11.32 13.01
CA ALA A 164 13.84 -12.76 13.22
C ALA A 164 12.50 -13.03 13.90
N ASN A 165 11.91 -12.01 14.54
CA ASN A 165 10.61 -12.16 15.22
C ASN A 165 9.45 -11.49 14.48
N MET A 166 9.68 -11.12 13.22
CA MET A 166 8.59 -10.57 12.39
C MET A 166 7.82 -11.72 11.72
N LYS A 167 6.66 -12.04 12.27
CA LYS A 167 5.83 -13.09 11.74
C LYS A 167 5.12 -12.62 10.47
N ASP A 168 4.83 -13.56 9.56
CA ASP A 168 4.11 -13.20 8.33
C ASP A 168 2.68 -12.76 8.67
N ASN A 169 2.04 -13.46 9.60
CA ASN A 169 0.59 -13.35 9.83
C ASN A 169 0.39 -13.19 11.35
N TYR A 170 -0.30 -12.15 11.78
CA TYR A 170 -0.60 -11.93 13.19
C TYR A 170 -2.10 -12.04 13.46
N SER A 171 -2.86 -12.64 12.55
CA SER A 171 -4.31 -12.75 12.74
C SER A 171 -4.72 -13.90 13.62
N GLY A 172 -3.78 -14.76 14.00
CA GLY A 172 -4.09 -15.83 14.94
C GLY A 172 -3.12 -15.73 16.09
N ASN A 173 -2.28 -16.75 16.20
CA ASN A 173 -1.38 -16.90 17.33
C ASN A 173 -0.07 -16.15 17.11
N TYR A 174 0.48 -15.61 18.19
CA TYR A 174 1.81 -14.98 18.16
C TYR A 174 2.30 -14.76 19.60
N THR A 175 3.61 -14.60 19.76
CA THR A 175 4.24 -14.38 21.05
C THR A 175 4.39 -12.89 21.32
N GLU A 176 4.64 -12.53 22.56
CA GLU A 176 4.86 -11.12 22.88
C GLU A 176 6.07 -10.57 22.15
N ALA A 177 7.14 -11.37 22.04
CA ALA A 177 8.33 -10.89 21.32
C ALA A 177 8.03 -10.64 19.84
N GLU A 178 7.19 -11.49 19.24
CA GLU A 178 6.80 -11.27 17.85
C GLU A 178 5.93 -10.01 17.71
N ALA A 179 5.00 -9.80 18.65
CA ALA A 179 4.17 -8.59 18.67
C ALA A 179 5.04 -7.36 18.83
N ASN A 180 5.97 -7.38 19.79
CA ASN A 180 6.83 -6.22 19.99
C ASN A 180 7.75 -5.91 18.79
N ALA A 181 8.22 -6.97 18.13
CA ALA A 181 9.08 -6.80 16.97
C ALA A 181 8.38 -5.98 15.93
N VAL A 182 7.18 -6.40 15.54
CA VAL A 182 6.48 -5.69 14.50
C VAL A 182 5.95 -4.34 14.98
N ALA A 183 5.52 -4.24 16.24
CA ALA A 183 4.98 -2.98 16.75
C ALA A 183 6.04 -1.90 16.79
N THR A 184 7.28 -2.26 17.12
CA THR A 184 8.39 -1.30 17.13
C THR A 184 8.61 -0.77 15.71
N LEU A 185 8.68 -1.68 14.72
CA LEU A 185 8.87 -1.29 13.34
C LEU A 185 7.73 -0.37 12.84
N MET A 186 6.48 -0.72 13.16
CA MET A 186 5.31 0.09 12.77
C MET A 186 5.40 1.50 13.35
N LEU A 187 5.73 1.58 14.66
CA LEU A 187 5.81 2.87 15.33
C LEU A 187 6.93 3.70 14.67
N HIS A 188 8.08 3.08 14.43
CA HIS A 188 9.20 3.82 13.86
C HIS A 188 8.90 4.28 12.45
N CYS A 189 8.23 3.44 11.66
CA CYS A 189 7.86 3.86 10.29
C CYS A 189 6.90 5.04 10.32
N GLY A 190 5.96 5.03 11.28
CA GLY A 190 5.04 6.18 11.40
C GLY A 190 5.76 7.45 11.82
N VAL A 191 6.54 7.39 12.90
CA VAL A 191 7.24 8.59 13.39
C VAL A 191 8.17 9.14 12.28
N ALA A 192 8.89 8.26 11.60
CA ALA A 192 9.77 8.66 10.47
C ALA A 192 9.01 9.38 9.36
N SER A 193 7.73 9.06 9.19
CA SER A 193 6.89 9.61 8.13
C SER A 193 6.10 10.80 8.58
N GLU A 194 6.41 11.32 9.79
CA GLU A 194 5.65 12.46 10.36
C GLU A 194 4.15 12.17 10.45
N MET A 195 3.82 10.96 10.88
CA MET A 195 2.44 10.52 10.96
C MET A 195 1.58 11.47 11.80
N GLN A 196 0.34 11.68 11.34
CA GLN A 196 -0.70 12.42 12.08
C GLN A 196 -1.62 11.30 12.58
N TYR A 197 -1.43 10.91 13.83
CA TYR A 197 -2.08 9.71 14.34
C TYR A 197 -3.53 9.96 14.67
N GLY A 198 -4.34 8.91 14.52
CA GLY A 198 -5.75 8.99 14.90
C GLY A 198 -6.25 7.64 15.35
N GLY A 199 -7.40 7.61 16.00
CA GLY A 199 -8.02 6.33 16.41
C GLY A 199 -8.67 5.59 15.25
N PRO A 200 -9.25 4.40 15.54
CA PRO A 200 -9.76 3.52 14.47
C PRO A 200 -10.77 4.18 13.54
N ASN A 201 -11.55 5.13 14.04
CA ASN A 201 -12.54 5.75 13.18
C ASN A 201 -12.11 7.04 12.49
N GLU A 202 -10.89 7.48 12.79
CA GLU A 202 -10.32 8.66 12.17
C GLU A 202 -9.16 8.31 11.23
N GLY A 203 -8.39 7.27 11.56
CA GLY A 203 -7.23 6.91 10.79
C GLY A 203 -6.02 7.76 11.09
N SER A 204 -4.87 7.31 10.62
CA SER A 204 -3.58 7.98 10.82
C SER A 204 -2.99 8.28 9.46
N GLY A 205 -2.68 9.55 9.21
CA GLY A 205 -2.31 9.99 7.85
C GLY A 205 -0.90 10.54 7.74
N ALA A 206 -0.25 10.27 6.61
CA ALA A 206 1.09 10.78 6.33
C ALA A 206 1.24 11.08 4.85
N TYR A 207 2.15 12.03 4.56
CA TYR A 207 2.48 12.39 3.18
C TYR A 207 3.67 11.59 2.69
N MET A 208 3.63 11.17 1.44
CA MET A 208 4.72 10.36 0.89
C MET A 208 6.03 11.11 0.83
N THR A 209 5.98 12.44 0.71
CA THR A 209 7.22 13.20 0.72
C THR A 209 7.95 13.04 2.07
N ASP A 210 7.16 12.96 3.14
CA ASP A 210 7.71 12.79 4.50
C ASP A 210 8.17 11.35 4.71
N CYS A 211 7.43 10.40 4.15
CA CYS A 211 7.86 9.01 4.18
C CYS A 211 9.27 8.86 3.56
N ALA A 212 9.47 9.41 2.36
CA ALA A 212 10.74 9.30 1.65
C ALA A 212 11.85 10.00 2.45
N ALA A 213 11.58 11.20 2.99
CA ALA A 213 12.58 11.92 3.80
C ALA A 213 13.00 11.15 5.03
N GLY A 214 12.04 10.51 5.68
CA GLY A 214 12.32 9.80 6.91
C GLY A 214 13.05 8.51 6.60
N LEU A 215 12.73 7.88 5.48
CA LEU A 215 13.46 6.69 5.06
C LEU A 215 14.95 7.03 4.81
N ARG A 216 15.24 8.18 4.19
CA ARG A 216 16.65 8.62 4.03
C ARG A 216 17.30 8.86 5.38
N THR A 217 16.61 9.64 6.21
CA THR A 217 17.22 10.21 7.41
C THR A 217 17.31 9.26 8.58
N TYR A 218 16.20 8.57 8.89
CA TYR A 218 16.12 7.75 10.09
C TYR A 218 16.41 6.29 9.81
N PHE A 219 16.25 5.84 8.56
CA PHE A 219 16.53 4.45 8.24
C PHE A 219 17.75 4.24 7.37
N GLY A 220 18.28 5.33 6.82
CA GLY A 220 19.50 5.30 6.03
C GLY A 220 19.37 4.76 4.61
N PHE A 221 18.16 4.81 4.05
CA PHE A 221 17.97 4.46 2.65
C PHE A 221 18.35 5.63 1.76
N THR A 222 19.65 5.67 1.44
CA THR A 222 20.22 6.81 0.72
C THR A 222 19.44 7.19 -0.53
N ASP A 223 18.95 6.19 -1.26
CA ASP A 223 18.30 6.40 -2.55
C ASP A 223 16.77 6.64 -2.48
N ALA A 224 16.18 6.56 -1.28
CA ALA A 224 14.72 6.69 -1.20
C ALA A 224 14.26 8.04 -1.76
N GLU A 225 13.18 8.00 -2.52
CA GLU A 225 12.63 9.25 -3.07
C GLU A 225 11.16 9.09 -3.42
N TYR A 226 10.40 10.17 -3.27
CA TYR A 226 9.01 10.18 -3.59
C TYR A 226 8.83 10.77 -4.99
N ILE A 227 7.96 10.15 -5.79
CA ILE A 227 7.56 10.73 -7.09
C ILE A 227 6.05 10.69 -7.21
N THR A 228 5.48 11.57 -8.03
CA THR A 228 4.04 11.62 -8.15
C THR A 228 3.58 11.38 -9.60
N ARG A 229 2.49 10.63 -9.74
CA ARG A 229 2.09 10.15 -11.06
C ARG A 229 1.73 11.26 -12.03
N ALA A 230 1.21 12.38 -11.53
CA ALA A 230 0.81 13.46 -12.41
C ALA A 230 1.95 13.99 -13.27
N ASN A 231 3.20 13.74 -12.83
CA ASN A 231 4.37 14.17 -13.59
C ASN A 231 4.76 13.24 -14.75
N TYR A 232 4.11 12.10 -14.87
CA TYR A 232 4.49 11.05 -15.84
C TYR A 232 3.34 10.65 -16.74
N THR A 233 3.65 10.29 -17.99
CA THR A 233 2.61 9.64 -18.80
C THR A 233 2.36 8.24 -18.25
N ASP A 234 1.25 7.62 -18.65
CA ASP A 234 0.94 6.27 -18.17
C ASP A 234 2.05 5.30 -18.55
N GLU A 235 2.56 5.42 -19.78
CA GLU A 235 3.62 4.51 -20.22
C GLU A 235 4.90 4.74 -19.40
N GLN A 236 5.23 5.99 -19.10
CA GLN A 236 6.44 6.27 -18.32
C GLN A 236 6.30 5.72 -16.91
N TRP A 237 5.12 5.94 -16.29
CA TRP A 237 4.87 5.46 -14.94
C TRP A 237 4.92 3.92 -14.87
N MET A 238 4.28 3.23 -15.81
CA MET A 238 4.28 1.78 -15.75
C MET A 238 5.68 1.25 -16.02
N ASP A 239 6.47 1.92 -16.84
CA ASP A 239 7.87 1.46 -17.02
C ASP A 239 8.70 1.53 -15.72
N ILE A 240 8.43 2.54 -14.89
CA ILE A 240 9.08 2.60 -13.59
C ILE A 240 8.66 1.40 -12.76
N VAL A 241 7.36 1.14 -12.69
CA VAL A 241 6.87 -0.02 -11.95
C VAL A 241 7.51 -1.32 -12.44
N PHE A 242 7.48 -1.57 -13.74
CA PHE A 242 8.07 -2.83 -14.26
C PHE A 242 9.56 -2.93 -14.00
N SER A 243 10.28 -1.84 -14.20
CA SER A 243 11.72 -1.84 -13.99
C SER A 243 12.07 -2.10 -12.51
N GLU A 244 11.33 -1.46 -11.59
CA GLU A 244 11.67 -1.64 -10.19
C GLU A 244 11.34 -3.07 -9.76
N LEU A 245 10.20 -3.60 -10.18
CA LEU A 245 9.85 -4.96 -9.75
C LEU A 245 10.75 -6.01 -10.38
N THR A 246 11.16 -5.79 -11.64
CA THR A 246 12.13 -6.68 -12.29
C THR A 246 13.40 -6.80 -11.45
N LYS A 247 13.79 -5.70 -10.81
CA LYS A 247 14.95 -5.66 -9.94
C LYS A 247 14.69 -6.23 -8.54
N GLY A 248 13.46 -6.68 -8.28
CA GLY A 248 13.11 -7.24 -6.97
C GLY A 248 12.89 -6.16 -5.90
N HIS A 249 12.36 -5.01 -6.32
CA HIS A 249 12.10 -3.91 -5.39
C HIS A 249 10.62 -3.60 -5.24
N PRO A 250 9.99 -4.10 -4.16
CA PRO A 250 8.58 -3.76 -3.94
C PRO A 250 8.47 -2.28 -3.68
N LEU A 251 7.34 -1.68 -4.07
CA LEU A 251 7.13 -0.23 -4.04
C LEU A 251 6.07 0.22 -3.05
N ILE A 252 6.41 1.18 -2.19
CA ILE A 252 5.43 1.83 -1.34
C ILE A 252 4.62 2.77 -2.24
N TYR A 253 3.29 2.69 -2.23
CA TYR A 253 2.47 3.41 -3.20
C TYR A 253 1.24 3.96 -2.48
N GLY A 254 0.80 5.16 -2.81
CA GLY A 254 -0.42 5.66 -2.18
C GLY A 254 -0.56 7.15 -2.34
N GLY A 255 -1.40 7.76 -1.52
CA GLY A 255 -1.65 9.18 -1.63
C GLY A 255 -2.72 9.65 -0.67
N VAL A 256 -2.97 10.96 -0.67
CA VAL A 256 -3.92 11.55 0.27
C VAL A 256 -4.77 12.57 -0.48
N ASP A 264 -10.15 12.31 5.84
CA ASP A 264 -9.61 11.08 5.27
C ASP A 264 -8.12 10.95 5.53
N ALA A 265 -7.70 9.80 6.09
CA ALA A 265 -6.29 9.53 6.39
C ALA A 265 -5.51 8.89 5.25
N GLY A 266 -6.02 9.01 4.04
CA GLY A 266 -5.29 8.52 2.87
C GLY A 266 -5.35 7.04 2.61
N HIS A 267 -4.52 6.62 1.66
CA HIS A 267 -4.45 5.23 1.27
C HIS A 267 -3.00 4.95 0.95
N ALA A 268 -2.57 3.74 1.22
CA ALA A 268 -1.22 3.32 0.83
C ALA A 268 -1.16 1.82 0.87
N PHE A 269 -0.28 1.27 0.06
CA PHE A 269 -0.20 -0.14 -0.11
C PHE A 269 1.15 -0.44 -0.73
N VAL A 270 1.42 -1.72 -0.93
CA VAL A 270 2.67 -2.15 -1.55
C VAL A 270 2.38 -2.79 -2.90
N ILE A 271 3.12 -2.38 -3.93
CA ILE A 271 3.13 -3.16 -5.20
C ILE A 271 4.30 -4.09 -5.11
N ASP A 272 4.02 -5.38 -5.19
CA ASP A 272 5.05 -6.37 -5.00
C ASP A 272 5.14 -7.41 -6.11
N GLY A 273 4.65 -7.04 -7.30
CA GLY A 273 4.81 -7.94 -8.46
C GLY A 273 3.95 -7.40 -9.59
N TYR A 274 3.96 -8.13 -10.70
CA TYR A 274 3.07 -7.84 -11.84
C TYR A 274 2.97 -9.08 -12.69
N ASN A 275 1.87 -9.16 -13.44
CA ASN A 275 1.69 -10.30 -14.33
C ASN A 275 1.93 -9.91 -15.79
N LYS A 276 1.83 -10.89 -16.68
CA LYS A 276 2.10 -10.63 -18.10
C LYS A 276 1.15 -9.63 -18.74
N ALA A 277 -0.07 -9.53 -18.22
CA ALA A 277 -1.03 -8.60 -18.73
C ALA A 277 -0.94 -7.21 -18.06
N GLY A 278 0.07 -7.01 -17.22
CA GLY A 278 0.35 -5.70 -16.66
C GLY A 278 -0.41 -5.37 -15.38
N LEU A 279 -1.28 -6.27 -14.90
CA LEU A 279 -1.84 -6.07 -13.53
C LEU A 279 -0.74 -6.14 -12.48
N VAL A 280 -0.88 -5.36 -11.41
CA VAL A 280 0.15 -5.37 -10.36
C VAL A 280 -0.34 -6.16 -9.14
N SER A 281 0.59 -6.87 -8.49
CA SER A 281 0.31 -7.52 -7.24
C SER A 281 0.29 -6.47 -6.15
N VAL A 282 -0.80 -6.44 -5.39
CA VAL A 282 -1.03 -5.43 -4.37
C VAL A 282 -1.23 -6.07 -2.99
N ASN A 283 -0.49 -5.53 -2.02
CA ASN A 283 -0.68 -5.83 -0.62
C ASN A 283 -1.26 -4.59 0.03
N TRP A 284 -2.55 -4.61 0.34
CA TRP A 284 -3.24 -3.41 0.81
C TRP A 284 -2.91 -3.03 2.24
N GLY A 285 -2.25 -3.92 2.98
CA GLY A 285 -1.91 -3.67 4.38
C GLY A 285 -3.16 -3.67 5.26
N TRP A 286 -4.11 -4.54 4.93
CA TRP A 286 -5.33 -4.65 5.72
C TRP A 286 -5.55 -6.10 6.08
N ASN A 287 -4.53 -6.69 6.72
CA ASN A 287 -4.57 -8.06 7.24
C ASN A 287 -4.78 -9.10 6.15
N GLY A 288 -4.34 -8.75 4.95
CA GLY A 288 -4.46 -9.65 3.80
C GLY A 288 -5.79 -9.53 3.08
N ASP A 289 -6.75 -8.81 3.64
CA ASP A 289 -8.07 -8.73 3.00
C ASP A 289 -7.91 -8.23 1.57
N VAL A 290 -8.45 -9.00 0.65
CA VAL A 290 -8.51 -8.70 -0.78
C VAL A 290 -7.18 -8.40 -1.49
N ASP A 291 -6.07 -8.85 -0.92
CA ASP A 291 -4.79 -8.77 -1.64
C ASP A 291 -4.94 -9.58 -2.93
N GLY A 292 -4.31 -9.12 -4.00
CA GLY A 292 -4.44 -9.77 -5.31
C GLY A 292 -3.81 -8.93 -6.40
N TYR A 293 -4.19 -9.19 -7.65
CA TYR A 293 -3.65 -8.44 -8.80
C TYR A 293 -4.70 -7.48 -9.30
N TYR A 294 -4.29 -6.24 -9.51
CA TYR A 294 -5.20 -5.16 -9.84
C TYR A 294 -4.64 -4.25 -10.93
N LYS A 295 -5.52 -3.69 -11.74
CA LYS A 295 -5.07 -2.71 -12.74
C LYS A 295 -4.76 -1.36 -12.13
N ILE A 296 -3.60 -0.83 -12.48
CA ILE A 296 -3.29 0.58 -12.23
C ILE A 296 -2.92 1.34 -13.52
N ASP A 297 -2.61 0.63 -14.59
CA ASP A 297 -2.23 1.34 -15.81
C ASP A 297 -3.28 2.34 -16.26
N LEU A 298 -4.54 1.95 -16.15
CA LEU A 298 -5.65 2.79 -16.60
C LEU A 298 -6.01 3.92 -15.62
N LEU A 299 -5.30 4.03 -14.50
CA LEU A 299 -5.61 5.11 -13.53
C LEU A 299 -4.85 6.42 -13.87
N ASN A 300 -5.10 6.98 -15.06
CA ASN A 300 -4.42 8.24 -15.43
C ASN A 300 -4.89 9.33 -14.48
N PRO A 301 -3.96 10.12 -13.93
CA PRO A 301 -4.32 11.23 -13.05
C PRO A 301 -5.29 12.19 -13.71
N GLY A 302 -6.31 12.63 -12.97
CA GLY A 302 -7.21 13.70 -13.48
C GLY A 302 -6.76 15.07 -12.99
N ASN A 303 -7.73 15.97 -12.74
CA ASN A 303 -7.43 17.27 -12.12
C ASN A 303 -6.89 17.05 -10.72
N MET A 304 -6.42 18.11 -10.08
CA MET A 304 -5.74 17.97 -8.79
C MET A 304 -6.68 17.42 -7.71
N TYR A 305 -7.96 17.36 -8.04
CA TYR A 305 -9.01 16.99 -7.09
C TYR A 305 -9.64 15.62 -7.31
N SER A 306 -9.16 14.90 -8.33
CA SER A 306 -9.69 13.58 -8.68
C SER A 306 -9.13 12.52 -7.73
N PHE A 307 -9.80 11.37 -7.66
CA PHE A 307 -9.21 10.23 -6.94
C PHE A 307 -7.90 9.76 -7.56
N THR A 308 -7.79 9.82 -8.88
CA THR A 308 -6.60 9.28 -9.57
C THR A 308 -5.36 10.14 -9.43
N ALA A 309 -5.57 11.39 -9.05
CA ALA A 309 -4.44 12.29 -8.82
C ALA A 309 -3.66 11.83 -7.58
N GLU A 310 -4.32 11.05 -6.73
CA GLU A 310 -3.74 10.61 -5.44
C GLU A 310 -2.88 9.37 -5.61
N GLN A 311 -1.81 9.50 -6.41
CA GLN A 311 -0.91 8.37 -6.69
C GLN A 311 0.52 8.82 -6.64
N ASP A 312 1.18 8.45 -5.56
CA ASP A 312 2.57 8.75 -5.31
C ASP A 312 3.26 7.41 -5.10
N MET A 313 4.57 7.37 -5.32
CA MET A 313 5.31 6.17 -4.95
C MET A 313 6.58 6.60 -4.25
N VAL A 314 7.08 5.71 -3.40
CA VAL A 314 8.43 5.88 -2.86
C VAL A 314 9.23 4.77 -3.47
N ARG A 315 10.25 5.14 -4.25
CA ARG A 315 11.16 4.18 -4.83
C ARG A 315 12.54 4.39 -4.20
N GLY A 316 13.49 3.49 -4.48
CA GLY A 316 14.84 3.63 -3.94
C GLY A 316 15.02 2.98 -2.58
N VAL A 317 14.07 2.13 -2.18
CA VAL A 317 14.15 1.42 -0.91
C VAL A 317 14.58 -0.02 -1.20
N TYR A 318 15.78 -0.35 -0.73
CA TYR A 318 16.37 -1.67 -0.91
C TYR A 318 17.62 -1.69 -0.08
N GLY A 319 18.21 -2.86 0.07
CA GLY A 319 19.47 -2.97 0.83
C GLY A 319 20.65 -2.38 0.07
N LYS A 320 21.78 -2.17 0.74
CA LYS A 320 22.94 -1.70 -0.02
C LYS A 320 23.70 -2.91 -0.54
N PRO A 321 24.41 -2.74 -1.66
CA PRO A 321 25.38 -3.74 -2.07
C PRO A 321 26.28 -4.22 -0.91
#